data_9I6E
#
_entry.id   9I6E
#
_cell.length_a   36.095
_cell.length_b   41.391
_cell.length_c   45.815
_cell.angle_alpha   90.12
_cell.angle_beta   108.08
_cell.angle_gamma   106.17
#
_symmetry.space_group_name_H-M   'P 1'
#
loop_
_entity.id
_entity.type
_entity.pdbx_description
1 polymer '5-hydroxymethyl-dUMP N-hydrolase'
2 non-polymer '4-[[1,1-bis(oxidanylidene)-7-propan-2-yl-4~{H}-1$l^{6},2,4-benzothiadiazin-3-yl]amino]benzoic acid'
3 water water
#
_entity_poly.entity_id   1
_entity_poly.type   'polypeptide(L)'
_entity_poly.pdbx_seq_one_letter_code
;MRPALYFCGSIRGGREDRTLYERIVSRLRRFGTVLTEHVAAAELGARGEEAAGGDRLIHEQDLEWLQQADVVVAEVTQPS
LGVGYELGRAVAFNKRILCLFRPQSGRVLSAMIRGAADGSRFQVWDYEEGEVEALLDRYFEADPLEENLYFQ
;
_entity_poly.pdbx_strand_id   A,B
#
# COMPACT_ATOMS: atom_id res chain seq x y z
N PRO A 3 10.27 23.65 -6.34
CA PRO A 3 10.13 22.32 -5.70
C PRO A 3 9.01 21.45 -6.30
N ALA A 4 9.16 20.12 -6.32
CA ALA A 4 8.12 19.21 -6.84
C ALA A 4 7.47 18.46 -5.65
N LEU A 5 6.13 18.36 -5.58
CA LEU A 5 5.43 17.65 -4.49
C LEU A 5 4.58 16.56 -5.07
N TYR A 6 4.69 15.35 -4.55
CA TYR A 6 3.87 14.23 -5.03
C TYR A 6 2.72 13.99 -4.08
N PHE A 7 1.48 13.97 -4.58
CA PHE A 7 0.34 13.75 -3.71
C PHE A 7 -0.33 12.42 -4.10
N CYS A 8 -0.69 11.63 -3.11
CA CYS A 8 -1.53 10.45 -3.32
C CYS A 8 -2.67 10.37 -2.26
N GLY A 9 -3.79 9.82 -2.65
CA GLY A 9 -4.95 9.71 -1.76
C GLY A 9 -5.99 8.74 -2.28
N GLY A 14 -15.89 9.45 0.13
CA GLY A 14 -17.10 10.27 0.10
C GLY A 14 -16.84 11.75 -0.10
N ARG A 15 -17.86 12.62 0.19
CA ARG A 15 -17.65 14.05 0.01
C ARG A 15 -16.52 14.59 0.90
N GLU A 16 -16.51 14.23 2.21
CA GLU A 16 -15.48 14.75 3.13
C GLU A 16 -14.05 14.42 2.64
N ASP A 17 -13.80 13.15 2.27
CA ASP A 17 -12.49 12.73 1.78
C ASP A 17 -12.08 13.52 0.54
N ARG A 18 -12.97 13.60 -0.47
CA ARG A 18 -12.72 14.27 -1.74
C ARG A 18 -12.52 15.78 -1.59
N THR A 19 -13.27 16.41 -0.68
CA THR A 19 -13.08 17.86 -0.47
C THR A 19 -11.74 18.11 0.23
N LEU A 20 -11.33 17.20 1.15
CA LEU A 20 -10.04 17.34 1.81
C LEU A 20 -8.92 17.07 0.86
N TYR A 21 -9.08 16.13 -0.09
CA TYR A 21 -8.03 15.90 -1.10
C TYR A 21 -7.82 17.18 -1.92
N GLU A 22 -8.93 17.84 -2.29
CA GLU A 22 -8.89 19.08 -3.06
C GLU A 22 -8.24 20.21 -2.26
N ARG A 23 -8.58 20.34 -0.99
CA ARG A 23 -8.00 21.37 -0.11
C ARG A 23 -6.50 21.13 0.13
N ILE A 24 -6.08 19.85 0.27
CA ILE A 24 -4.65 19.56 0.53
C ILE A 24 -3.87 19.90 -0.71
N VAL A 25 -4.34 19.46 -1.89
CA VAL A 25 -3.66 19.72 -3.18
C VAL A 25 -3.56 21.20 -3.42
N SER A 26 -4.67 21.92 -3.18
CA SER A 26 -4.65 23.38 -3.36
C SER A 26 -3.58 24.08 -2.48
N ARG A 27 -3.48 23.65 -1.22
CA ARG A 27 -2.49 24.23 -0.31
C ARG A 27 -1.09 23.83 -0.74
N LEU A 28 -0.87 22.55 -1.12
CA LEU A 28 0.45 22.12 -1.58
C LEU A 28 0.92 22.94 -2.78
N ARG A 29 -0.01 23.43 -3.60
CA ARG A 29 0.38 24.22 -4.79
C ARG A 29 1.09 25.53 -4.37
N ARG A 30 0.86 25.99 -3.13
CA ARG A 30 1.56 27.18 -2.64
C ARG A 30 3.08 26.90 -2.42
N PHE A 31 3.49 25.63 -2.31
CA PHE A 31 4.89 25.31 -2.01
C PHE A 31 5.73 24.81 -3.19
N GLY A 32 5.12 24.58 -4.34
CA GLY A 32 5.82 24.11 -5.53
C GLY A 32 4.87 23.47 -6.51
N THR A 33 5.41 22.74 -7.50
CA THR A 33 4.55 22.09 -8.49
C THR A 33 4.01 20.79 -7.92
N VAL A 34 2.72 20.62 -7.94
CA VAL A 34 2.09 19.41 -7.44
C VAL A 34 1.87 18.37 -8.53
N LEU A 35 2.46 17.21 -8.33
CA LEU A 35 2.37 16.06 -9.21
C LEU A 35 1.31 15.15 -8.62
N THR A 36 0.15 15.12 -9.24
CA THR A 36 -0.94 14.23 -8.80
C THR A 36 -1.85 13.96 -10.00
N GLU A 37 -2.42 12.73 -10.09
CA GLU A 37 -3.34 12.39 -11.19
C GLU A 37 -4.16 11.20 -10.83
N HIS A 38 -5.47 11.32 -10.95
CA HIS A 38 -6.40 10.26 -10.62
C HIS A 38 -7.54 10.12 -11.64
N VAL A 39 -7.55 10.96 -12.71
CA VAL A 39 -8.62 11.05 -13.68
C VAL A 39 -9.00 9.73 -14.37
N ALA A 40 -8.03 8.88 -14.67
CA ALA A 40 -8.30 7.62 -15.36
C ALA A 40 -8.33 6.43 -14.44
N ALA A 41 -7.93 6.56 -13.17
CA ALA A 41 -7.81 5.41 -12.29
C ALA A 41 -9.09 4.57 -12.14
N ALA A 42 -10.27 5.21 -11.95
CA ALA A 42 -11.51 4.43 -11.79
C ALA A 42 -11.85 3.65 -13.07
N GLU A 43 -11.73 4.29 -14.25
CA GLU A 43 -12.04 3.69 -15.55
C GLU A 43 -11.05 2.59 -15.94
N LEU A 44 -9.76 2.83 -15.67
CA LEU A 44 -8.74 1.79 -15.93
C LEU A 44 -9.01 0.60 -15.01
N GLY A 45 -9.30 0.88 -13.73
CA GLY A 45 -9.62 -0.17 -12.77
C GLY A 45 -10.84 -0.98 -13.15
N ALA A 46 -11.90 -0.33 -13.61
CA ALA A 46 -13.14 -1.01 -14.00
C ALA A 46 -12.92 -1.99 -15.14
N ARG A 47 -11.95 -1.71 -16.02
CA ARG A 47 -11.63 -2.57 -17.16
C ARG A 47 -10.83 -3.84 -16.78
N GLY A 48 -10.36 -3.93 -15.53
CA GLY A 48 -9.67 -5.14 -15.08
C GLY A 48 -8.46 -5.51 -15.90
N GLU A 49 -8.25 -6.82 -16.10
CA GLU A 49 -7.06 -7.35 -16.81
C GLU A 49 -6.96 -6.82 -18.26
N GLU A 50 -8.08 -6.47 -18.85
CA GLU A 50 -8.09 -5.96 -20.23
C GLU A 50 -7.31 -4.63 -20.33
N ALA A 51 -7.25 -3.84 -19.24
CA ALA A 51 -6.49 -2.57 -19.27
C ALA A 51 -5.10 -2.68 -18.62
N ALA A 52 -4.56 -3.91 -18.52
CA ALA A 52 -3.23 -4.07 -17.92
C ALA A 52 -2.17 -3.18 -18.58
N GLY A 53 -2.24 -3.01 -19.91
CA GLY A 53 -1.29 -2.16 -20.62
C GLY A 53 -1.31 -0.70 -20.17
N GLY A 54 -2.49 -0.13 -20.07
CA GLY A 54 -2.65 1.24 -19.63
C GLY A 54 -2.26 1.39 -18.17
N ASP A 55 -2.55 0.36 -17.36
CA ASP A 55 -2.18 0.34 -15.95
C ASP A 55 -0.63 0.39 -15.82
N ARG A 56 0.11 -0.35 -16.62
CA ARG A 56 1.58 -0.33 -16.59
C ARG A 56 2.10 1.07 -16.96
N LEU A 57 1.40 1.79 -17.87
CA LEU A 57 1.83 3.17 -18.19
C LEU A 57 1.66 4.13 -17.01
N ILE A 58 0.47 4.12 -16.39
CA ILE A 58 0.24 5.01 -15.25
C ILE A 58 1.17 4.63 -14.06
N HIS A 59 1.46 3.31 -13.89
CA HIS A 59 2.37 2.91 -12.81
C HIS A 59 3.77 3.48 -13.05
N GLU A 60 4.28 3.40 -14.32
CA GLU A 60 5.59 3.96 -14.62
C GLU A 60 5.59 5.47 -14.41
N GLN A 61 4.51 6.17 -14.79
CA GLN A 61 4.43 7.60 -14.58
C GLN A 61 4.47 7.95 -13.08
N ASP A 62 3.64 7.27 -12.24
CA ASP A 62 3.68 7.52 -10.79
C ASP A 62 5.04 7.25 -10.21
N LEU A 63 5.76 6.23 -10.70
CA LEU A 63 7.11 5.95 -10.17
C LEU A 63 8.10 7.07 -10.51
N GLU A 64 8.04 7.60 -11.76
CA GLU A 64 8.93 8.68 -12.16
C GLU A 64 8.63 9.91 -11.34
N TRP A 65 7.31 10.19 -11.08
CA TRP A 65 6.99 11.35 -10.22
C TRP A 65 7.47 11.16 -8.79
N LEU A 66 7.33 9.95 -8.23
CA LEU A 66 7.83 9.70 -6.86
C LEU A 66 9.35 9.99 -6.73
N GLN A 67 10.14 9.61 -7.74
CA GLN A 67 11.59 9.84 -7.76
C GLN A 67 11.93 11.31 -7.95
N GLN A 68 11.15 12.02 -8.78
CA GLN A 68 11.37 13.44 -9.00
C GLN A 68 11.02 14.26 -7.74
N ALA A 69 10.00 13.82 -6.98
CA ALA A 69 9.46 14.59 -5.84
C ALA A 69 10.45 14.96 -4.78
N ASP A 70 10.39 16.20 -4.31
CA ASP A 70 11.16 16.63 -3.13
C ASP A 70 10.40 16.20 -1.83
N VAL A 71 9.08 15.94 -1.94
CA VAL A 71 8.31 15.49 -0.77
C VAL A 71 7.14 14.69 -1.32
N VAL A 72 6.77 13.64 -0.59
CA VAL A 72 5.58 12.84 -0.95
C VAL A 72 4.55 13.09 0.17
N VAL A 73 3.32 13.45 -0.19
CA VAL A 73 2.28 13.68 0.80
C VAL A 73 1.13 12.70 0.53
N ALA A 74 0.65 11.99 1.55
CA ALA A 74 -0.40 11.02 1.34
C ALA A 74 -1.50 11.23 2.32
N GLU A 75 -2.74 11.16 1.85
CA GLU A 75 -3.88 11.23 2.73
C GLU A 75 -4.25 9.74 2.90
N VAL A 76 -4.07 9.23 4.15
CA VAL A 76 -4.16 7.77 4.43
C VAL A 76 -5.42 7.38 5.22
N THR A 77 -6.44 8.25 5.20
CA THR A 77 -7.67 7.97 5.95
C THR A 77 -8.41 6.75 5.37
N GLN A 78 -8.62 6.74 4.05
CA GLN A 78 -9.35 5.60 3.44
C GLN A 78 -8.37 4.50 3.02
N PRO A 79 -8.65 3.23 3.38
CA PRO A 79 -7.75 2.12 2.98
C PRO A 79 -7.62 2.06 1.47
N SER A 80 -6.40 1.86 1.01
CA SER A 80 -6.11 1.81 -0.40
C SER A 80 -4.84 1.02 -0.66
N LEU A 81 -4.94 0.04 -1.58
CA LEU A 81 -3.74 -0.71 -1.95
C LEU A 81 -2.84 0.20 -2.76
N GLY A 82 -3.40 1.09 -3.60
CA GLY A 82 -2.59 1.98 -4.43
C GLY A 82 -1.76 2.92 -3.58
N VAL A 83 -2.41 3.59 -2.59
CA VAL A 83 -1.72 4.54 -1.72
C VAL A 83 -0.64 3.81 -0.88
N GLY A 84 -0.99 2.62 -0.34
CA GLY A 84 -0.02 1.84 0.42
C GLY A 84 1.18 1.48 -0.46
N TYR A 85 0.89 1.10 -1.72
CA TYR A 85 2.00 0.70 -2.62
C TYR A 85 2.94 1.87 -2.90
N GLU A 86 2.35 3.03 -3.21
CA GLU A 86 3.16 4.22 -3.51
C GLU A 86 3.99 4.63 -2.27
N LEU A 87 3.43 4.45 -1.05
CA LEU A 87 4.22 4.74 0.16
C LEU A 87 5.40 3.77 0.32
N GLY A 88 5.21 2.49 0.02
CA GLY A 88 6.27 1.48 0.07
C GLY A 88 7.38 1.83 -0.89
N ARG A 89 7.01 2.21 -2.15
CA ARG A 89 8.04 2.57 -3.11
C ARG A 89 8.77 3.86 -2.66
N ALA A 90 8.02 4.83 -2.10
CA ALA A 90 8.58 6.11 -1.64
C ALA A 90 9.60 5.87 -0.52
N VAL A 91 9.31 4.90 0.38
CA VAL A 91 10.25 4.62 1.47
C VAL A 91 11.54 4.05 0.91
N ALA A 92 11.43 3.10 -0.03
CA ALA A 92 12.63 2.51 -0.61
C ALA A 92 13.42 3.55 -1.40
N PHE A 93 12.76 4.57 -1.96
CA PHE A 93 13.46 5.66 -2.65
C PHE A 93 14.03 6.74 -1.66
N ASN A 94 13.92 6.49 -0.32
CA ASN A 94 14.27 7.32 0.84
C ASN A 94 13.66 8.70 0.73
N LYS A 95 12.37 8.78 0.33
CA LYS A 95 11.71 10.08 0.20
C LYS A 95 11.32 10.66 1.53
N ARG A 96 11.26 12.02 1.62
CA ARG A 96 10.66 12.74 2.74
C ARG A 96 9.14 12.50 2.53
N ILE A 97 8.43 12.01 3.57
CA ILE A 97 7.01 11.66 3.42
C ILE A 97 6.20 12.22 4.55
N LEU A 98 4.98 12.75 4.25
CA LEU A 98 4.06 13.20 5.28
C LEU A 98 2.74 12.49 5.00
N CYS A 99 2.22 11.71 5.98
CA CYS A 99 0.93 11.02 5.87
C CYS A 99 -0.02 11.77 6.75
N LEU A 100 -1.22 12.01 6.26
CA LEU A 100 -2.23 12.74 7.02
C LEU A 100 -3.40 11.80 7.20
N PHE A 101 -3.82 11.63 8.45
CA PHE A 101 -4.87 10.68 8.77
C PHE A 101 -5.91 11.39 9.63
N ARG A 102 -7.19 11.15 9.35
CA ARG A 102 -8.26 11.81 10.09
C ARG A 102 -8.95 10.81 11.01
N PRO A 103 -8.62 10.79 12.31
CA PRO A 103 -9.25 9.80 13.20
C PRO A 103 -10.78 9.89 13.29
N GLN A 104 -11.33 11.10 13.11
CA GLN A 104 -12.78 11.27 13.17
C GLN A 104 -13.52 10.58 12.02
N SER A 105 -12.81 10.05 11.00
CA SER A 105 -13.45 9.30 9.91
C SER A 105 -14.01 7.93 10.40
N GLY A 106 -13.66 7.52 11.63
CA GLY A 106 -14.03 6.21 12.16
C GLY A 106 -13.03 5.10 11.79
N ARG A 107 -12.20 5.36 10.77
CA ARG A 107 -11.22 4.37 10.31
C ARG A 107 -10.12 4.19 11.33
N VAL A 108 -9.51 3.01 11.30
CA VAL A 108 -8.38 2.66 12.12
C VAL A 108 -7.19 2.67 11.15
N LEU A 109 -6.15 3.49 11.41
CA LEU A 109 -5.01 3.48 10.48
C LEU A 109 -4.17 2.22 10.68
N SER A 110 -3.81 1.55 9.56
CA SER A 110 -2.95 0.38 9.60
C SER A 110 -1.72 0.56 10.47
N ALA A 111 -1.49 -0.39 11.42
CA ALA A 111 -0.28 -0.41 12.24
C ALA A 111 0.99 -0.44 11.36
N MET A 112 0.88 -0.98 10.13
CA MET A 112 2.01 -0.98 9.23
C MET A 112 2.41 0.41 8.82
N ILE A 113 1.42 1.28 8.56
CA ILE A 113 1.74 2.66 8.13
C ILE A 113 2.26 3.50 9.31
N ARG A 114 1.58 3.41 10.48
CA ARG A 114 2.09 4.10 11.66
C ARG A 114 3.48 3.58 12.05
N GLY A 115 3.73 2.29 11.84
CA GLY A 115 5.00 1.66 12.16
C GLY A 115 6.10 1.99 11.20
N ALA A 116 5.75 2.38 9.95
CA ALA A 116 6.81 2.75 8.99
C ALA A 116 7.35 4.17 9.26
N ALA A 117 6.60 4.99 10.00
CA ALA A 117 7.04 6.37 10.27
C ALA A 117 8.11 6.38 11.33
N ASP A 118 9.20 7.09 11.10
CA ASP A 118 10.27 7.28 12.11
C ASP A 118 10.05 8.59 12.95
N GLY A 119 9.16 9.43 12.51
CA GLY A 119 8.85 10.67 13.21
C GLY A 119 9.71 11.83 12.76
N SER A 120 10.60 11.60 11.77
CA SER A 120 11.46 12.62 11.21
C SER A 120 11.31 12.66 9.66
N ARG A 121 11.95 11.73 8.92
CA ARG A 121 11.90 11.65 7.46
C ARG A 121 10.50 11.20 6.99
N PHE A 122 9.84 10.33 7.75
CA PHE A 122 8.49 9.83 7.44
C PHE A 122 7.67 10.13 8.66
N GLN A 123 6.69 11.02 8.51
CA GLN A 123 5.84 11.38 9.64
C GLN A 123 4.39 11.02 9.33
N VAL A 124 3.65 10.66 10.36
CA VAL A 124 2.22 10.43 10.25
C VAL A 124 1.56 11.42 11.21
N TRP A 125 0.68 12.27 10.70
CA TRP A 125 0.00 13.25 11.54
C TRP A 125 -1.49 13.01 11.50
N ASP A 126 -2.08 12.90 12.71
CA ASP A 126 -3.51 12.80 12.86
C ASP A 126 -4.00 14.23 12.77
N TYR A 127 -5.14 14.45 12.10
CA TYR A 127 -5.70 15.77 11.99
C TYR A 127 -7.21 15.80 11.96
N GLU A 128 -7.77 16.99 12.28
CA GLU A 128 -9.19 17.29 12.20
C GLU A 128 -9.35 18.11 10.92
N GLU A 129 -10.34 17.77 10.11
CA GLU A 129 -10.59 18.36 8.80
C GLU A 129 -10.34 19.90 8.70
N GLY A 130 -10.71 20.65 9.73
CA GLY A 130 -10.58 22.10 9.74
C GLY A 130 -9.18 22.69 9.76
N GLU A 131 -8.17 21.94 10.18
CA GLU A 131 -6.82 22.52 10.33
C GLU A 131 -5.80 22.06 9.31
N VAL A 132 -6.22 21.31 8.30
CA VAL A 132 -5.27 20.74 7.35
C VAL A 132 -4.40 21.84 6.66
N GLU A 133 -4.99 23.03 6.31
CA GLU A 133 -4.13 24.08 5.70
C GLU A 133 -3.09 24.61 6.65
N ALA A 134 -3.48 24.88 7.89
CA ALA A 134 -2.57 25.37 8.90
C ALA A 134 -1.47 24.33 9.20
N LEU A 135 -1.81 23.00 9.15
CA LEU A 135 -0.84 21.96 9.38
C LEU A 135 0.20 21.89 8.27
N LEU A 136 -0.26 22.02 7.01
CA LEU A 136 0.69 22.01 5.90
C LEU A 136 1.62 23.25 6.00
N ASP A 137 1.09 24.41 6.39
CA ASP A 137 1.96 25.62 6.54
C ASP A 137 2.99 25.36 7.64
N ARG A 138 2.57 24.72 8.74
CA ARG A 138 3.49 24.39 9.82
C ARG A 138 4.60 23.45 9.31
N TYR A 139 4.23 22.37 8.64
CA TYR A 139 5.16 21.39 8.14
C TYR A 139 6.25 22.00 7.26
N PHE A 140 5.84 22.86 6.33
CA PHE A 140 6.77 23.43 5.38
C PHE A 140 7.55 24.62 5.95
N GLU A 141 7.04 25.30 7.00
CA GLU A 141 7.82 26.38 7.62
C GLU A 141 8.92 25.78 8.45
N ALA A 142 8.62 24.69 9.21
CA ALA A 142 9.65 24.05 10.04
C ALA A 142 10.73 23.34 9.22
N ASP A 143 10.45 23.04 7.94
CA ASP A 143 11.42 22.36 7.09
C ASP A 143 11.07 22.70 5.64
N PRO A 144 11.51 23.88 5.19
CA PRO A 144 11.21 24.27 3.81
C PRO A 144 11.85 23.42 2.73
N LEU A 145 11.21 23.41 1.58
CA LEU A 145 11.74 22.74 0.39
C LEU A 145 12.69 23.76 -0.30
N PRO B 3 12.35 -23.54 1.55
CA PRO B 3 11.79 -22.30 1.02
C PRO B 3 10.98 -21.51 2.06
N ALA B 4 11.09 -20.16 2.07
CA ALA B 4 10.29 -19.34 2.96
C ALA B 4 9.25 -18.62 2.10
N LEU B 5 7.95 -18.64 2.49
CA LEU B 5 6.92 -17.91 1.74
C LEU B 5 6.33 -16.90 2.67
N TYR B 6 6.12 -15.66 2.21
CA TYR B 6 5.52 -14.65 3.06
C TYR B 6 4.11 -14.39 2.57
N PHE B 7 3.13 -14.39 3.45
CA PHE B 7 1.74 -14.10 3.04
C PHE B 7 1.27 -12.79 3.69
N CYS B 8 0.68 -11.86 2.88
CA CYS B 8 -0.04 -10.64 3.32
C CYS B 8 -1.61 -10.75 3.05
N GLY B 14 -14.17 -9.52 4.89
CA GLY B 14 -15.28 -10.16 5.58
C GLY B 14 -15.13 -11.67 5.71
N ARG B 15 -16.26 -12.33 5.91
CA ARG B 15 -16.30 -13.76 6.12
C ARG B 15 -15.62 -14.57 5.01
N GLU B 16 -16.01 -14.36 3.75
CA GLU B 16 -15.44 -15.09 2.63
C GLU B 16 -13.94 -14.82 2.52
N ASP B 17 -13.54 -13.57 2.70
CA ASP B 17 -12.14 -13.18 2.61
C ASP B 17 -11.32 -13.93 3.69
N ARG B 18 -11.80 -13.99 4.93
CA ARG B 18 -11.08 -14.70 5.99
C ARG B 18 -10.93 -16.21 5.69
N THR B 19 -11.99 -16.84 5.16
CA THR B 19 -11.89 -18.27 4.77
C THR B 19 -10.86 -18.44 3.66
N LEU B 20 -10.85 -17.52 2.71
CA LEU B 20 -9.91 -17.62 1.59
C LEU B 20 -8.49 -17.36 2.05
N TYR B 21 -8.28 -16.46 3.05
CA TYR B 21 -6.92 -16.21 3.55
C TYR B 21 -6.43 -17.52 4.20
N GLU B 22 -7.31 -18.18 4.97
CA GLU B 22 -6.98 -19.44 5.65
C GLU B 22 -6.66 -20.56 4.64
N ARG B 23 -7.45 -20.68 3.57
CA ARG B 23 -7.19 -21.67 2.51
C ARG B 23 -5.91 -21.44 1.75
N ILE B 24 -5.57 -20.16 1.49
CA ILE B 24 -4.33 -19.86 0.75
C ILE B 24 -3.14 -20.21 1.63
N VAL B 25 -3.18 -19.80 2.90
CA VAL B 25 -2.06 -20.08 3.81
C VAL B 25 -1.89 -21.56 4.02
N SER B 26 -3.01 -22.28 4.17
CA SER B 26 -2.91 -23.75 4.35
C SER B 26 -2.24 -24.42 3.15
N ARG B 27 -2.60 -23.96 1.93
CA ARG B 27 -1.98 -24.57 0.74
C ARG B 27 -0.51 -24.16 0.62
N LEU B 28 -0.19 -22.92 0.97
CA LEU B 28 1.18 -22.41 0.87
C LEU B 28 2.10 -23.22 1.77
N ARG B 29 1.63 -23.70 2.92
CA ARG B 29 2.48 -24.53 3.80
C ARG B 29 2.97 -25.83 3.15
N ARG B 30 2.33 -26.29 2.05
CA ARG B 30 2.86 -27.47 1.37
C ARG B 30 4.16 -27.15 0.65
N PHE B 31 4.42 -25.86 0.32
CA PHE B 31 5.60 -25.51 -0.46
C PHE B 31 6.79 -24.96 0.31
N GLY B 32 6.63 -24.77 1.61
CA GLY B 32 7.71 -24.27 2.45
C GLY B 32 7.20 -23.70 3.74
N THR B 33 8.09 -22.99 4.49
CA THR B 33 7.66 -22.38 5.75
C THR B 33 6.91 -21.09 5.46
N VAL B 34 5.70 -20.96 6.00
CA VAL B 34 4.91 -19.76 5.78
C VAL B 34 5.11 -18.75 6.91
N LEU B 35 5.52 -17.56 6.52
CA LEU B 35 5.72 -16.40 7.41
C LEU B 35 4.51 -15.48 7.24
N THR B 36 3.66 -15.36 8.27
CA THR B 36 2.48 -14.47 8.20
C THR B 36 2.04 -14.21 9.62
N GLU B 37 1.57 -12.97 9.88
CA GLU B 37 1.08 -12.64 11.22
C GLU B 37 0.22 -11.44 11.15
N HIS B 38 -0.90 -11.53 11.78
CA HIS B 38 -1.80 -10.41 11.90
C HIS B 38 -2.52 -10.42 13.26
N VAL B 39 -2.09 -11.34 14.21
CA VAL B 39 -2.70 -11.58 15.50
C VAL B 39 -2.95 -10.31 16.30
N ALA B 40 -2.06 -9.35 16.22
CA ALA B 40 -2.17 -8.12 17.02
C ALA B 40 -2.46 -6.85 16.23
N ALA B 41 -2.53 -6.97 14.91
CA ALA B 41 -2.70 -5.83 14.05
C ALA B 41 -3.92 -4.97 14.34
N ALA B 42 -5.10 -5.57 14.53
CA ALA B 42 -6.30 -4.78 14.79
C ALA B 42 -6.17 -3.97 16.09
N GLU B 43 -5.72 -4.61 17.18
CA GLU B 43 -5.57 -4.02 18.49
C GLU B 43 -4.53 -2.92 18.46
N LEU B 44 -3.37 -3.16 17.80
CA LEU B 44 -2.34 -2.12 17.69
C LEU B 44 -2.88 -0.93 16.93
N GLY B 45 -3.51 -1.18 15.78
CA GLY B 45 -4.08 -0.11 14.98
C GLY B 45 -5.10 0.75 15.73
N ALA B 46 -6.01 0.11 16.43
CA ALA B 46 -7.06 0.83 17.16
C ALA B 46 -6.47 1.77 18.23
N ARG B 47 -5.29 1.43 18.77
CA ARG B 47 -4.65 2.26 19.79
C ARG B 47 -4.07 3.57 19.25
N GLY B 48 -3.94 3.71 17.94
CA GLY B 48 -3.53 4.97 17.33
C GLY B 48 -2.12 5.36 17.66
N GLU B 49 -1.87 6.68 17.76
CA GLU B 49 -0.53 7.19 17.98
C GLU B 49 0.12 6.67 19.26
N GLU B 50 -0.72 6.31 20.26
CA GLU B 50 -0.22 5.78 21.55
C GLU B 50 0.53 4.43 21.37
N ALA B 51 0.27 3.70 20.27
CA ALA B 51 0.95 2.43 20.03
C ALA B 51 2.02 2.49 18.89
N ALA B 52 2.47 3.69 18.53
CA ALA B 52 3.54 3.84 17.53
C ALA B 52 4.77 3.00 17.84
N GLY B 53 5.14 2.89 19.13
CA GLY B 53 6.27 2.04 19.50
C GLY B 53 6.11 0.56 19.13
N GLY B 54 4.94 -0.03 19.47
CA GLY B 54 4.65 -1.41 19.11
C GLY B 54 4.54 -1.59 17.60
N ASP B 55 3.97 -0.58 16.95
CA ASP B 55 3.81 -0.57 15.49
C ASP B 55 5.19 -0.62 14.80
N ARG B 56 6.18 0.14 15.30
CA ARG B 56 7.53 0.10 14.70
C ARG B 56 8.12 -1.31 14.83
N LEU B 57 7.85 -1.99 15.97
CA LEU B 57 8.37 -3.35 16.17
C LEU B 57 7.75 -4.35 15.13
N ILE B 58 6.43 -4.30 14.92
CA ILE B 58 5.81 -5.22 13.95
C ILE B 58 6.24 -4.82 12.52
N HIS B 59 6.41 -3.50 12.24
CA HIS B 59 6.88 -3.06 10.91
C HIS B 59 8.25 -3.67 10.62
N GLU B 60 9.17 -3.57 11.61
CA GLU B 60 10.50 -4.16 11.47
CA GLU B 60 10.50 -4.14 11.41
C GLU B 60 10.45 -5.67 11.23
N GLN B 61 9.57 -6.38 11.95
CA GLN B 61 9.48 -7.83 11.81
C GLN B 61 8.98 -8.19 10.42
N ASP B 62 7.92 -7.53 9.95
CA ASP B 62 7.43 -7.79 8.59
C ASP B 62 8.50 -7.49 7.56
N LEU B 63 9.28 -6.41 7.72
CA LEU B 63 10.35 -6.14 6.70
C LEU B 63 11.39 -7.25 6.70
N GLU B 64 11.74 -7.74 7.90
CA GLU B 64 12.73 -8.84 7.95
C GLU B 64 12.19 -10.08 7.27
N TRP B 65 10.89 -10.36 7.47
CA TRP B 65 10.29 -11.53 6.83
C TRP B 65 10.19 -11.37 5.30
N LEU B 66 9.86 -10.16 4.81
CA LEU B 66 9.78 -9.89 3.37
C LEU B 66 11.18 -10.13 2.73
N GLN B 67 12.24 -9.77 3.45
CA GLN B 67 13.61 -9.97 2.94
C GLN B 67 13.98 -11.45 2.96
N GLN B 68 13.54 -12.18 3.99
CA GLN B 68 13.83 -13.62 4.09
C GLN B 68 13.05 -14.44 3.04
N ALA B 69 11.88 -13.94 2.62
CA ALA B 69 10.98 -14.66 1.69
C ALA B 69 11.53 -14.99 0.35
N ASP B 70 11.31 -16.21 -0.10
CA ASP B 70 11.62 -16.61 -1.49
C ASP B 70 10.46 -16.18 -2.42
N VAL B 71 9.24 -16.06 -1.86
CA VAL B 71 8.09 -15.61 -2.62
C VAL B 71 7.18 -14.84 -1.67
N VAL B 72 6.55 -13.79 -2.21
CA VAL B 72 5.58 -13.02 -1.44
C VAL B 72 4.22 -13.28 -2.10
N VAL B 73 3.20 -13.61 -1.30
CA VAL B 73 1.84 -13.87 -1.78
C VAL B 73 0.86 -12.93 -1.01
N ALA B 74 -0.01 -12.26 -1.75
CA ALA B 74 -0.99 -11.36 -1.15
C ALA B 74 -2.32 -11.58 -1.79
N GLU B 75 -3.40 -11.55 -0.98
CA GLU B 75 -4.76 -11.63 -1.43
C GLU B 75 -5.18 -10.14 -1.44
N VAL B 76 -5.43 -9.62 -2.65
CA VAL B 76 -5.63 -8.14 -2.82
C VAL B 76 -7.09 -7.74 -3.13
N THR B 77 -8.04 -8.57 -2.76
CA THR B 77 -9.46 -8.27 -3.02
C THR B 77 -9.94 -7.09 -2.19
N GLN B 78 -9.52 -7.05 -0.93
CA GLN B 78 -9.95 -5.95 -0.05
C GLN B 78 -8.91 -4.89 -0.03
N PRO B 79 -9.31 -3.61 -0.22
CA PRO B 79 -8.34 -2.51 -0.14
C PRO B 79 -7.69 -2.45 1.24
N SER B 80 -6.37 -2.32 1.26
CA SER B 80 -5.60 -2.28 2.48
C SER B 80 -4.32 -1.50 2.29
N LEU B 81 -4.10 -0.46 3.13
CA LEU B 81 -2.85 0.30 3.07
C LEU B 81 -1.70 -0.60 3.45
N GLY B 82 -1.86 -1.42 4.49
CA GLY B 82 -0.75 -2.27 4.96
C GLY B 82 -0.33 -3.27 3.89
N VAL B 83 -1.28 -3.88 3.20
CA VAL B 83 -0.94 -4.86 2.16
C VAL B 83 -0.23 -4.15 0.97
N GLY B 84 -0.75 -2.97 0.63
CA GLY B 84 -0.17 -2.19 -0.43
C GLY B 84 1.25 -1.79 -0.10
N TYR B 85 1.47 -1.36 1.11
CA TYR B 85 2.79 -0.92 1.58
C TYR B 85 3.78 -2.13 1.48
N GLU B 86 3.35 -3.30 1.99
CA GLU B 86 4.19 -4.50 1.97
C GLU B 86 4.53 -4.89 0.51
N LEU B 87 3.58 -4.73 -0.40
CA LEU B 87 3.84 -5.03 -1.84
C LEU B 87 4.88 -4.02 -2.40
N GLY B 88 4.74 -2.74 -2.01
CA GLY B 88 5.69 -1.70 -2.41
C GLY B 88 7.11 -2.05 -1.96
N ARG B 89 7.25 -2.43 -0.69
CA ARG B 89 8.56 -2.81 -0.16
C ARG B 89 9.05 -4.08 -0.88
N ALA B 90 8.17 -5.03 -1.14
CA ALA B 90 8.55 -6.29 -1.80
C ALA B 90 9.07 -6.03 -3.21
N VAL B 91 8.40 -5.13 -3.94
CA VAL B 91 8.89 -4.75 -5.27
C VAL B 91 10.27 -4.11 -5.20
N ALA B 92 10.50 -3.19 -4.23
CA ALA B 92 11.82 -2.57 -4.12
C ALA B 92 12.88 -3.58 -3.71
N PHE B 93 12.52 -4.62 -2.94
CA PHE B 93 13.43 -5.73 -2.60
C PHE B 93 13.62 -6.72 -3.78
N ASN B 94 12.95 -6.48 -4.91
CA ASN B 94 12.89 -7.29 -6.14
C ASN B 94 12.45 -8.74 -5.84
N LYS B 95 11.41 -8.87 -5.04
CA LYS B 95 10.89 -10.19 -4.69
C LYS B 95 9.99 -10.74 -5.77
N ARG B 96 9.89 -12.08 -5.84
CA ARG B 96 8.93 -12.76 -6.68
C ARG B 96 7.59 -12.59 -5.94
N ILE B 97 6.55 -12.14 -6.64
CA ILE B 97 5.29 -11.80 -6.02
C ILE B 97 4.12 -12.37 -6.77
N LEU B 98 3.17 -12.96 -6.05
CA LEU B 98 1.90 -13.40 -6.60
C LEU B 98 0.78 -12.72 -5.85
N CYS B 99 -0.09 -11.93 -6.57
CA CYS B 99 -1.29 -11.29 -5.99
C CYS B 99 -2.48 -12.05 -6.49
N LEU B 100 -3.42 -12.37 -5.61
CA LEU B 100 -4.62 -13.08 -5.98
C LEU B 100 -5.80 -12.15 -5.76
N PHE B 101 -6.57 -11.91 -6.82
CA PHE B 101 -7.69 -10.96 -6.72
C PHE B 101 -8.96 -11.71 -7.13
N ARG B 102 -10.07 -11.50 -6.42
CA ARG B 102 -11.32 -12.17 -6.73
C ARG B 102 -12.35 -11.19 -7.32
N PRO B 103 -12.52 -11.15 -8.66
CA PRO B 103 -13.50 -10.22 -9.27
C PRO B 103 -14.96 -10.52 -8.92
N ARG B 107 -15.81 -5.63 -5.61
CA ARG B 107 -14.64 -4.77 -5.47
C ARG B 107 -13.91 -4.68 -6.80
N VAL B 108 -13.20 -3.56 -7.03
CA VAL B 108 -12.43 -3.39 -8.25
C VAL B 108 -10.96 -3.21 -7.82
N LEU B 109 -10.01 -3.90 -8.47
CA LEU B 109 -8.59 -3.80 -8.08
C LEU B 109 -7.95 -2.52 -8.58
N SER B 110 -7.22 -1.83 -7.69
CA SER B 110 -6.46 -0.65 -8.04
C SER B 110 -5.64 -0.80 -9.34
N ALA B 111 -5.77 0.20 -10.28
CA ALA B 111 -4.94 0.20 -11.49
C ALA B 111 -3.47 0.25 -11.14
N MET B 112 -3.12 0.79 -9.94
CA MET B 112 -1.72 0.85 -9.55
C MET B 112 -1.18 -0.57 -9.31
N ILE B 113 -1.97 -1.45 -8.67
CA ILE B 113 -1.48 -2.81 -8.40
C ILE B 113 -1.40 -3.64 -9.69
N ARG B 114 -2.47 -3.58 -10.53
CA ARG B 114 -2.44 -4.26 -11.83
C ARG B 114 -1.24 -3.76 -12.68
N GLY B 115 -0.98 -2.44 -12.59
CA GLY B 115 0.10 -1.83 -13.32
C GLY B 115 1.47 -2.15 -12.81
N ALA B 116 1.59 -2.49 -11.50
CA ALA B 116 2.89 -2.87 -10.95
C ALA B 116 3.31 -4.26 -11.41
N ALA B 117 2.36 -5.09 -11.85
CA ALA B 117 2.68 -6.45 -12.27
C ALA B 117 3.33 -6.45 -13.65
N ASP B 118 4.38 -7.26 -13.85
CA ASP B 118 5.02 -7.40 -15.16
C ASP B 118 4.62 -8.73 -15.84
N GLY B 119 3.79 -9.54 -15.20
CA GLY B 119 3.35 -10.80 -15.78
C GLY B 119 4.36 -11.92 -15.61
N SER B 120 5.48 -11.66 -14.93
CA SER B 120 6.50 -12.66 -14.73
C SER B 120 6.93 -12.72 -13.24
N ARG B 121 7.87 -11.86 -12.79
CA ARG B 121 8.34 -11.79 -11.40
C ARG B 121 7.20 -11.30 -10.51
N PHE B 122 6.31 -10.43 -11.00
CA PHE B 122 5.16 -9.96 -10.20
C PHE B 122 3.92 -10.21 -11.05
N GLN B 123 3.07 -11.12 -10.60
CA GLN B 123 1.85 -11.46 -11.33
C GLN B 123 0.64 -11.17 -10.50
N VAL B 124 -0.46 -10.80 -11.18
CA VAL B 124 -1.75 -10.58 -10.55
C VAL B 124 -2.67 -11.57 -11.25
N TRP B 125 -3.24 -12.48 -10.49
CA TRP B 125 -4.12 -13.50 -11.04
C TRP B 125 -5.52 -13.29 -10.50
N ASP B 126 -6.49 -13.16 -11.42
CA ASP B 126 -7.88 -13.11 -11.05
C ASP B 126 -8.33 -14.56 -10.85
N TYR B 127 -9.13 -14.78 -9.81
CA TYR B 127 -9.56 -16.11 -9.48
C TYR B 127 -10.97 -16.17 -8.99
N GLU B 128 -11.52 -17.37 -9.04
CA GLU B 128 -12.83 -17.72 -8.50
C GLU B 128 -12.54 -18.53 -7.25
N GLU B 129 -13.29 -18.31 -6.18
CA GLU B 129 -12.99 -18.94 -4.90
C GLU B 129 -12.68 -20.46 -4.94
N GLY B 130 -13.39 -21.23 -5.79
CA GLY B 130 -13.23 -22.68 -5.79
C GLY B 130 -11.90 -23.21 -6.30
N GLU B 131 -11.16 -22.39 -7.05
CA GLU B 131 -9.93 -22.90 -7.67
C GLU B 131 -8.64 -22.42 -7.02
N VAL B 132 -8.71 -21.71 -5.88
CA VAL B 132 -7.50 -21.09 -5.35
C VAL B 132 -6.40 -22.12 -5.02
N GLU B 133 -6.76 -23.33 -4.52
CA GLU B 133 -5.73 -24.37 -4.26
C GLU B 133 -5.10 -24.87 -5.53
N ALA B 134 -5.93 -25.16 -6.58
CA ALA B 134 -5.39 -25.63 -7.83
C ALA B 134 -4.50 -24.54 -8.50
N LEU B 135 -4.83 -23.25 -8.32
CA LEU B 135 -4.00 -22.20 -8.88
C LEU B 135 -2.64 -22.10 -8.20
N LEU B 136 -2.60 -22.27 -6.87
CA LEU B 136 -1.29 -22.27 -6.17
C LEU B 136 -0.47 -23.48 -6.62
N ASP B 137 -1.11 -24.64 -6.82
CA ASP B 137 -0.38 -25.82 -7.32
C ASP B 137 0.22 -25.54 -8.68
N ARG B 138 -0.53 -24.85 -9.53
CA ARG B 138 -0.06 -24.52 -10.87
C ARG B 138 1.16 -23.59 -10.82
N TYR B 139 1.06 -22.54 -10.00
CA TYR B 139 2.11 -21.53 -9.91
C TYR B 139 3.45 -22.15 -9.49
N PHE B 140 3.44 -23.02 -8.48
CA PHE B 140 4.70 -23.59 -7.98
C PHE B 140 5.21 -24.74 -8.85
N GLU B 141 4.33 -25.41 -9.62
CA GLU B 141 4.81 -26.45 -10.56
C GLU B 141 5.45 -25.80 -11.79
N ALA B 142 4.95 -24.64 -12.23
CA ALA B 142 5.53 -23.97 -13.38
C ALA B 142 6.88 -23.33 -13.02
N ASP B 143 7.04 -22.86 -11.75
CA ASP B 143 8.31 -22.26 -11.31
C ASP B 143 8.54 -22.66 -9.87
N PRO B 144 9.14 -23.85 -9.67
CA PRO B 144 9.27 -24.37 -8.30
C PRO B 144 10.23 -23.59 -7.42
N LEU B 145 10.00 -23.66 -6.10
CA LEU B 145 10.90 -23.04 -5.14
C LEU B 145 12.06 -24.03 -4.86
#